data_6B88
#
_entry.id   6B88
#
_cell.length_a   109.980
_cell.length_b   109.980
_cell.length_c   116.250
_cell.angle_alpha   90.000
_cell.angle_beta   90.000
_cell.angle_gamma   90.000
#
_symmetry.space_group_name_H-M   'I 4'
#
loop_
_entity.id
_entity.type
_entity.pdbx_description
1 polymer 'Signal peptidase I'
2 non-polymer (8S,11S,14S)-14-{[(2S)-4-amino-2-{[2-(4-tert-butylphenyl)-4-methylpyrimidine-5-carbonyl]amino}butanoyl](methyl)amino}-3,18-bis(2-aminoethoxy)-N-[(2Z)-2-iminoethyl]-11-methyl-10,13-dioxo-9,12-diazatricyclo[13.3.1.1~2,6~]icosa-1(19),2(20),3,5,15,17-hexaene-8-carboxamide
3 non-polymer 'PENTAETHYLENE GLYCOL'
4 water water
#
_entity_poly.entity_id   1
_entity_poly.type   'polypeptide(L)'
_entity_poly.pdbx_seq_one_letter_code
;RSFIYEPFQIPSGSMMPTLLIGDFILVEKFAYGIKDPIYQKTLIETGHPKRGDIVVFKYPEDPKLDYIKRAVGLPGDKVT
YDPVSKELTIQPGCSSGQACENALPVTYSNVEPSDFVQTFSRRNGGEATSGFFEVPKNETKENGIRLSERKETLGDVTHR
ILTVPIAQDQVGMYYQQPGQQLATWIVPPGQYFMMGDNRDNSADSRYWGFVPEANLVGRATAIWMSFDKQEGEWPTGLRL
SRIGGIH
;
_entity_poly.pdbx_strand_id   A,B
#
# COMPACT_ATOMS: atom_id res chain seq x y z
N ARG A 1 -0.55 10.04 21.35
CA ARG A 1 -0.32 8.67 20.89
C ARG A 1 1.15 8.43 20.50
N SER A 2 1.89 7.71 21.35
CA SER A 2 3.32 7.38 21.14
C SER A 2 3.49 5.89 20.76
N PHE A 3 3.54 5.63 19.45
CA PHE A 3 3.70 4.29 18.88
C PHE A 3 5.17 3.90 18.75
N ILE A 4 5.51 2.68 19.19
CA ILE A 4 6.87 2.13 19.11
C ILE A 4 6.97 1.26 17.85
N TYR A 5 7.97 1.53 17.02
CA TYR A 5 8.29 0.83 15.77
C TYR A 5 9.61 0.08 15.92
N GLU A 6 9.65 -1.18 15.45
CA GLU A 6 10.82 -2.04 15.57
C GLU A 6 11.16 -2.75 14.26
N PRO A 7 12.44 -2.86 13.89
CA PRO A 7 12.78 -3.56 12.65
C PRO A 7 12.98 -5.06 12.82
N PHE A 8 12.49 -5.81 11.83
CA PHE A 8 12.65 -7.26 11.81
C PHE A 8 13.21 -7.70 10.46
N GLN A 9 14.03 -8.75 10.50
CA GLN A 9 14.63 -9.42 9.36
C GLN A 9 13.74 -10.61 9.02
N ILE A 10 13.53 -10.88 7.73
CA ILE A 10 12.74 -12.06 7.34
C ILE A 10 13.70 -13.14 6.79
N PRO A 11 14.15 -14.11 7.60
CA PRO A 11 15.09 -15.13 7.10
C PRO A 11 14.45 -16.39 6.54
N SER A 12 13.13 -16.51 6.59
CA SER A 12 12.37 -17.68 6.16
C SER A 12 11.39 -17.34 5.03
N GLY A 13 10.88 -18.38 4.38
CA GLY A 13 9.97 -18.25 3.27
C GLY A 13 8.49 -18.46 3.58
N SER A 14 8.13 -18.60 4.86
CA SER A 14 6.75 -18.88 5.28
C SER A 14 5.73 -17.81 4.86
N MET A 15 6.16 -16.56 4.59
CA MET A 15 5.22 -15.49 4.25
C MET A 15 5.24 -15.10 2.76
N MET A 16 5.86 -15.91 1.88
CA MET A 16 5.93 -15.66 0.44
C MET A 16 4.54 -15.71 -0.21
N PRO A 17 4.27 -14.89 -1.27
CA PRO A 17 5.17 -13.95 -1.97
C PRO A 17 5.18 -12.52 -1.35
N THR A 18 4.36 -12.37 -0.30
CA THR A 18 4.22 -11.10 0.42
C THR A 18 5.54 -10.67 1.07
N LEU A 19 6.20 -11.59 1.76
CA LEU A 19 7.51 -11.31 2.38
C LEU A 19 8.47 -12.39 1.92
N LEU A 20 9.65 -11.99 1.47
CA LEU A 20 10.66 -12.89 0.96
C LEU A 20 11.88 -12.89 1.88
N ILE A 21 12.73 -13.93 1.74
CA ILE A 21 14.00 -14.08 2.46
C ILE A 21 14.88 -12.91 2.02
N GLY A 22 15.20 -12.01 2.95
CA GLY A 22 16.01 -10.83 2.68
C GLY A 22 15.26 -9.52 2.86
N ASP A 23 13.96 -9.59 3.15
CA ASP A 23 13.14 -8.41 3.41
C ASP A 23 13.39 -7.97 4.85
N PHE A 24 13.37 -6.65 5.03
CA PHE A 24 13.51 -5.98 6.33
C PHE A 24 12.25 -5.13 6.50
N ILE A 25 11.45 -5.51 7.49
CA ILE A 25 10.16 -4.92 7.71
C ILE A 25 10.18 -3.99 8.91
N LEU A 26 9.14 -3.18 9.02
CA LEU A 26 8.86 -2.30 10.15
C LEU A 26 7.62 -2.86 10.83
N VAL A 27 7.68 -2.96 12.17
CA VAL A 27 6.58 -3.48 12.97
C VAL A 27 6.10 -2.40 13.94
N GLU A 28 4.80 -2.11 13.88
CA GLU A 28 4.14 -1.17 14.78
C GLU A 28 3.64 -1.99 15.97
N LYS A 29 4.17 -1.69 17.17
CA LYS A 29 3.79 -2.44 18.38
C LYS A 29 2.37 -2.12 18.82
N PHE A 30 1.61 -3.16 19.22
CA PHE A 30 0.21 -3.01 19.65
C PHE A 30 0.08 -2.20 20.93
N ALA A 31 1.08 -2.23 21.82
CA ALA A 31 1.03 -1.46 23.06
C ALA A 31 1.69 -0.09 22.88
N TYR A 32 0.91 0.97 23.13
CA TYR A 32 1.35 2.35 23.05
C TYR A 32 0.89 3.13 24.27
N GLY A 33 1.64 4.18 24.62
CA GLY A 33 1.34 5.02 25.78
C GLY A 33 0.74 6.36 25.40
N ILE A 34 -0.04 6.92 26.36
CA ILE A 34 -0.70 8.22 26.26
C ILE A 34 -0.59 8.86 27.66
N LYS A 35 0.08 10.02 27.76
CA LYS A 35 0.30 10.72 29.03
C LYS A 35 -0.91 11.64 29.35
N ASP A 36 -0.95 12.16 30.59
CA ASP A 36 -2.02 13.05 31.09
C ASP A 36 -1.90 14.44 30.46
N PRO A 37 -3.00 15.30 30.50
CA PRO A 37 -2.93 16.64 29.87
C PRO A 37 -1.54 17.29 29.97
N ILE A 38 -1.04 17.50 31.19
CA ILE A 38 0.32 18.02 31.42
C ILE A 38 1.19 16.92 32.00
N TYR A 39 0.96 16.56 33.29
CA TYR A 39 1.67 15.48 34.00
C TYR A 39 0.86 15.06 35.25
N GLN A 40 0.29 13.85 35.22
CA GLN A 40 -0.49 13.27 36.33
C GLN A 40 -0.45 11.75 36.27
N LYS A 41 -0.80 11.16 35.10
CA LYS A 41 -0.84 9.70 34.89
C LYS A 41 -0.49 9.36 33.44
N THR A 42 -0.23 8.08 33.17
CA THR A 42 0.04 7.60 31.81
C THR A 42 -0.75 6.32 31.56
N LEU A 43 -1.60 6.33 30.53
CA LEU A 43 -2.44 5.20 30.13
C LEU A 43 -1.74 4.44 29.02
N ILE A 44 -1.72 3.10 29.11
CA ILE A 44 -1.09 2.26 28.07
C ILE A 44 -2.18 1.37 27.46
N GLU A 45 -2.62 1.73 26.26
CA GLU A 45 -3.63 1.00 25.49
C GLU A 45 -2.95 -0.08 24.64
N THR A 46 -3.63 -1.20 24.45
CA THR A 46 -3.09 -2.30 23.65
C THR A 46 -4.04 -2.60 22.50
N GLY A 47 -3.58 -2.26 21.28
CA GLY A 47 -4.35 -2.48 20.08
C GLY A 47 -4.54 -3.95 19.77
N HIS A 48 -5.60 -4.24 18.98
CA HIS A 48 -5.92 -5.62 18.64
C HIS A 48 -5.70 -5.86 17.14
N PRO A 49 -5.23 -7.05 16.75
CA PRO A 49 -5.04 -7.32 15.32
C PRO A 49 -6.39 -7.47 14.63
N LYS A 50 -6.44 -6.97 13.39
CA LYS A 50 -7.62 -7.11 12.53
C LYS A 50 -7.42 -8.34 11.68
N ARG A 51 -8.52 -9.03 11.35
CA ARG A 51 -8.46 -10.23 10.53
C ARG A 51 -7.72 -9.94 9.23
N GLY A 52 -6.66 -10.72 8.96
CA GLY A 52 -5.82 -10.55 7.80
C GLY A 52 -4.53 -9.77 8.03
N ASP A 53 -4.36 -9.10 9.17
CA ASP A 53 -3.16 -8.32 9.47
C ASP A 53 -1.94 -9.25 9.59
N ILE A 54 -0.76 -8.77 9.20
CA ILE A 54 0.48 -9.54 9.33
C ILE A 54 1.07 -9.17 10.69
N VAL A 55 1.08 -10.14 11.62
CA VAL A 55 1.42 -9.92 13.02
C VAL A 55 2.71 -10.66 13.39
N VAL A 56 3.57 -9.97 14.18
CA VAL A 56 4.77 -10.52 14.83
C VAL A 56 4.38 -10.84 16.29
N PHE A 57 4.77 -12.02 16.76
CA PHE A 57 4.38 -12.52 18.08
C PHE A 57 5.47 -13.45 18.62
N LYS A 58 5.56 -13.53 19.96
CA LYS A 58 6.46 -14.46 20.65
C LYS A 58 5.94 -15.88 20.46
N TYR A 59 6.77 -16.76 19.91
CA TYR A 59 6.44 -18.15 19.60
C TYR A 59 5.91 -18.89 20.84
N PRO A 60 4.70 -19.47 20.80
CA PRO A 60 4.15 -20.10 22.04
C PRO A 60 4.98 -21.26 22.59
N GLU A 61 5.56 -22.12 21.71
CA GLU A 61 6.39 -23.26 22.11
C GLU A 61 7.79 -22.87 22.63
N ASP A 62 8.24 -21.61 22.41
CA ASP A 62 9.52 -21.04 22.85
C ASP A 62 9.39 -19.51 22.80
N PRO A 63 8.90 -18.84 23.89
CA PRO A 63 8.63 -17.40 23.82
C PRO A 63 9.86 -16.49 23.65
N LYS A 64 11.09 -17.05 23.62
CA LYS A 64 12.32 -16.30 23.37
C LYS A 64 12.44 -15.86 21.92
N LEU A 65 11.72 -16.53 21.02
CA LEU A 65 11.73 -16.35 19.57
C LEU A 65 10.49 -15.58 19.11
N ASP A 66 10.67 -14.69 18.10
CA ASP A 66 9.57 -13.98 17.44
C ASP A 66 9.26 -14.67 16.12
N TYR A 67 7.96 -14.78 15.80
CA TYR A 67 7.49 -15.40 14.57
C TYR A 67 6.57 -14.42 13.87
N ILE A 68 6.46 -14.53 12.53
CA ILE A 68 5.57 -13.66 11.76
C ILE A 68 4.64 -14.52 10.92
N LYS A 69 3.33 -14.29 11.04
CA LYS A 69 2.29 -14.99 10.26
C LYS A 69 1.13 -14.01 10.04
N ARG A 70 0.11 -14.44 9.29
CA ARG A 70 -1.08 -13.62 9.07
C ARG A 70 -2.14 -14.09 10.05
N ALA A 71 -2.78 -13.14 10.76
CA ALA A 71 -3.82 -13.51 11.73
C ALA A 71 -5.10 -13.80 10.95
N VAL A 72 -5.36 -15.10 10.69
CA VAL A 72 -6.54 -15.48 9.92
C VAL A 72 -7.74 -15.75 10.84
N GLY A 73 -7.51 -16.23 12.06
CA GLY A 73 -8.56 -16.46 13.05
C GLY A 73 -8.44 -15.55 14.25
N LEU A 74 -9.55 -14.88 14.60
CA LEU A 74 -9.71 -13.97 15.74
C LEU A 74 -10.59 -14.64 16.81
N PRO A 75 -10.60 -14.17 18.06
CA PRO A 75 -11.47 -14.82 19.07
C PRO A 75 -12.91 -15.00 18.58
N GLY A 76 -13.47 -16.19 18.85
CA GLY A 76 -14.82 -16.53 18.47
C GLY A 76 -14.97 -17.16 17.08
N ASP A 77 -13.92 -17.12 16.26
CA ASP A 77 -13.94 -17.63 14.89
C ASP A 77 -13.93 -19.15 14.83
N LYS A 78 -14.77 -19.72 13.96
CA LYS A 78 -14.75 -21.16 13.65
C LYS A 78 -13.94 -21.23 12.36
N VAL A 79 -12.68 -21.66 12.47
CA VAL A 79 -11.76 -21.72 11.33
C VAL A 79 -11.76 -23.16 10.79
N THR A 80 -12.04 -23.31 9.49
CA THR A 80 -12.01 -24.60 8.81
C THR A 80 -11.10 -24.49 7.60
N TYR A 81 -10.15 -25.43 7.48
CA TYR A 81 -9.20 -25.48 6.38
C TYR A 81 -9.35 -26.80 5.65
N ASP A 82 -9.49 -26.72 4.33
CA ASP A 82 -9.55 -27.91 3.50
C ASP A 82 -8.13 -28.16 2.99
N PRO A 83 -7.44 -29.22 3.44
CA PRO A 83 -6.06 -29.44 2.96
C PRO A 83 -5.96 -29.77 1.48
N VAL A 84 -7.07 -30.20 0.85
CA VAL A 84 -7.07 -30.58 -0.57
C VAL A 84 -7.16 -29.35 -1.49
N SER A 85 -8.16 -28.45 -1.27
CA SER A 85 -8.32 -27.23 -2.07
C SER A 85 -7.40 -26.11 -1.62
N LYS A 86 -6.87 -26.24 -0.40
CA LYS A 86 -5.97 -25.29 0.26
C LYS A 86 -6.65 -23.93 0.44
N GLU A 87 -7.91 -23.99 0.91
CA GLU A 87 -8.80 -22.85 1.11
C GLU A 87 -9.38 -22.85 2.52
N LEU A 88 -9.63 -21.64 3.05
CA LEU A 88 -10.15 -21.41 4.40
C LEU A 88 -11.62 -20.97 4.39
N THR A 89 -12.31 -21.31 5.48
CA THR A 89 -13.69 -20.92 5.77
C THR A 89 -13.71 -20.33 7.18
N ILE A 90 -14.13 -19.07 7.29
CA ILE A 90 -14.17 -18.35 8.57
C ILE A 90 -15.65 -18.03 8.89
N GLN A 91 -16.12 -18.47 10.05
CA GLN A 91 -17.47 -18.26 10.56
C GLN A 91 -17.35 -17.52 11.90
N PRO A 92 -17.36 -16.17 11.90
CA PRO A 92 -17.16 -15.43 13.15
C PRO A 92 -18.34 -15.52 14.12
N GLY A 93 -18.04 -15.33 15.40
CA GLY A 93 -19.00 -15.37 16.50
C GLY A 93 -19.62 -16.72 16.79
N CYS A 94 -19.07 -17.79 16.23
CA CYS A 94 -19.56 -19.16 16.40
C CYS A 94 -18.70 -19.93 17.42
N SER A 95 -18.55 -19.31 18.60
CA SER A 95 -17.77 -19.87 19.72
C SER A 95 -18.54 -20.94 20.51
N SER A 96 -19.89 -20.88 20.50
CA SER A 96 -20.73 -21.82 21.23
C SER A 96 -20.75 -23.21 20.59
N GLY A 97 -20.60 -23.29 19.26
CA GLY A 97 -20.61 -24.52 18.51
C GLY A 97 -21.98 -24.92 18.00
N GLN A 98 -22.76 -23.95 17.48
CA GLN A 98 -24.09 -24.16 16.94
C GLN A 98 -24.09 -23.99 15.42
N ALA A 99 -25.23 -24.31 14.77
CA ALA A 99 -25.38 -24.22 13.31
C ALA A 99 -25.62 -22.76 12.87
N CYS A 100 -24.54 -21.96 12.92
CA CYS A 100 -24.61 -20.53 12.57
C CYS A 100 -24.51 -20.30 11.05
N GLU A 101 -25.24 -19.29 10.56
CA GLU A 101 -25.30 -18.93 9.14
C GLU A 101 -24.68 -17.56 8.84
N ASN A 102 -24.00 -16.95 9.81
CA ASN A 102 -23.31 -15.66 9.65
C ASN A 102 -21.82 -15.87 9.35
N ALA A 103 -21.56 -16.53 8.21
CA ALA A 103 -20.22 -16.87 7.73
C ALA A 103 -19.54 -15.73 6.97
N LEU A 104 -18.24 -15.50 7.26
CA LEU A 104 -17.43 -14.45 6.61
C LEU A 104 -17.12 -14.88 5.16
N PRO A 105 -17.29 -14.01 4.15
CA PRO A 105 -17.00 -14.42 2.77
C PRO A 105 -15.49 -14.44 2.51
N VAL A 106 -14.94 -15.64 2.34
CA VAL A 106 -13.53 -15.87 2.01
C VAL A 106 -13.50 -16.34 0.56
N THR A 107 -13.04 -15.48 -0.34
CA THR A 107 -13.01 -15.79 -1.78
C THR A 107 -11.57 -15.89 -2.29
N TYR A 108 -11.41 -16.68 -3.37
CA TYR A 108 -10.12 -17.01 -3.98
C TYR A 108 -10.14 -16.72 -5.48
N SER A 109 -9.04 -16.18 -6.02
CA SER A 109 -8.90 -15.93 -7.45
C SER A 109 -8.51 -17.21 -8.18
N ASN A 110 -8.42 -17.12 -9.51
CA ASN A 110 -7.95 -18.24 -10.33
C ASN A 110 -6.45 -18.46 -10.05
N VAL A 111 -6.04 -19.74 -10.00
CA VAL A 111 -4.64 -20.11 -9.69
C VAL A 111 -3.77 -19.90 -10.93
N GLU A 112 -2.59 -19.27 -10.78
CA GLU A 112 -1.64 -19.04 -11.85
C GLU A 112 -0.21 -19.28 -11.34
N PRO A 113 0.78 -19.49 -12.24
CA PRO A 113 2.16 -19.76 -11.74
C PRO A 113 2.81 -18.52 -11.13
N SER A 114 3.59 -18.70 -10.05
CA SER A 114 4.29 -17.61 -9.40
C SER A 114 5.67 -17.41 -10.04
N ASP A 115 6.40 -16.41 -9.54
CA ASP A 115 7.76 -16.07 -9.94
C ASP A 115 8.80 -16.86 -9.15
N PHE A 116 8.35 -17.91 -8.44
CA PHE A 116 9.20 -18.71 -7.55
C PHE A 116 9.17 -20.21 -7.84
N VAL A 117 10.35 -20.83 -7.78
CA VAL A 117 10.57 -22.27 -7.94
C VAL A 117 11.22 -22.77 -6.65
N GLN A 118 10.82 -23.95 -6.18
CA GLN A 118 11.36 -24.55 -4.94
C GLN A 118 12.17 -25.81 -5.25
N THR A 119 13.46 -25.81 -4.87
CA THR A 119 14.36 -26.93 -5.09
C THR A 119 14.46 -27.84 -3.85
N PHE A 120 14.79 -29.11 -4.07
CA PHE A 120 14.87 -30.11 -3.00
C PHE A 120 16.20 -30.88 -3.02
N SER A 121 16.87 -30.93 -1.86
CA SER A 121 18.15 -31.61 -1.68
C SER A 121 17.94 -33.10 -1.40
N ARG A 122 18.46 -33.96 -2.29
CA ARG A 122 18.33 -35.42 -2.20
C ARG A 122 19.20 -35.97 -1.06
N ARG A 123 18.56 -36.22 0.08
CA ARG A 123 19.22 -36.76 1.29
C ARG A 123 19.17 -38.29 1.29
N ASN A 124 19.87 -38.86 0.28
CA ASN A 124 20.00 -40.33 0.01
C ASN A 124 18.64 -41.01 -0.18
N GLY A 125 17.75 -40.33 -0.91
CA GLY A 125 16.40 -40.82 -1.20
C GLY A 125 15.31 -40.04 -0.48
N GLY A 126 15.35 -38.71 -0.56
CA GLY A 126 14.41 -37.83 0.10
C GLY A 126 14.34 -36.44 -0.53
N GLU A 127 13.45 -35.60 0.01
CA GLU A 127 13.25 -34.23 -0.48
C GLU A 127 13.07 -33.23 0.67
N ALA A 128 14.10 -32.39 0.88
CA ALA A 128 14.16 -31.32 1.87
C ALA A 128 14.75 -30.06 1.22
N THR A 129 14.03 -28.92 1.33
CA THR A 129 14.37 -27.65 0.68
C THR A 129 15.78 -27.13 1.02
N SER A 130 16.36 -26.40 0.06
CA SER A 130 17.65 -25.72 0.14
C SER A 130 17.47 -24.22 -0.03
N GLY A 131 16.37 -23.80 -0.63
CA GLY A 131 16.00 -22.42 -0.84
C GLY A 131 14.91 -22.27 -1.90
N PHE A 132 14.45 -21.02 -2.03
CA PHE A 132 13.41 -20.61 -2.99
C PHE A 132 14.06 -19.71 -4.04
N PHE A 133 14.00 -20.11 -5.31
CA PHE A 133 14.65 -19.39 -6.40
C PHE A 133 13.64 -18.58 -7.21
N GLU A 134 13.98 -17.32 -7.48
CA GLU A 134 13.17 -16.42 -8.31
C GLU A 134 13.58 -16.70 -9.77
N VAL A 135 12.74 -17.42 -10.52
CA VAL A 135 13.05 -17.87 -11.86
C VAL A 135 12.01 -17.32 -12.88
N PRO A 136 12.42 -16.77 -14.04
CA PRO A 136 11.42 -16.27 -15.03
C PRO A 136 10.42 -17.34 -15.44
N LYS A 137 9.14 -16.94 -15.56
CA LYS A 137 8.02 -17.87 -15.79
C LYS A 137 8.23 -18.79 -17.00
N ASN A 138 8.80 -18.27 -18.12
CA ASN A 138 9.09 -19.09 -19.31
C ASN A 138 10.28 -20.06 -19.10
N GLU A 139 11.18 -19.81 -18.14
CA GLU A 139 12.35 -20.62 -17.81
C GLU A 139 12.02 -21.73 -16.77
N THR A 140 13.02 -22.57 -16.43
CA THR A 140 12.91 -23.73 -15.51
C THR A 140 14.16 -23.87 -14.59
N LYS A 141 14.07 -24.79 -13.59
CA LYS A 141 15.19 -25.10 -12.68
C LYS A 141 15.24 -26.60 -12.31
N GLU A 142 16.47 -27.17 -12.34
CA GLU A 142 16.77 -28.58 -12.02
C GLU A 142 16.44 -28.92 -10.57
N ASN A 143 15.75 -30.05 -10.36
CA ASN A 143 15.24 -30.55 -9.07
C ASN A 143 14.31 -29.55 -8.38
N GLY A 144 13.69 -28.66 -9.17
CA GLY A 144 12.81 -27.60 -8.67
C GLY A 144 11.39 -27.64 -9.18
N ILE A 145 10.42 -27.43 -8.28
CA ILE A 145 8.99 -27.38 -8.62
C ILE A 145 8.49 -25.93 -8.61
N ARG A 146 7.80 -25.55 -9.69
CA ARG A 146 7.21 -24.21 -9.86
C ARG A 146 5.96 -24.07 -8.99
N LEU A 147 6.00 -23.19 -8.00
CA LEU A 147 4.87 -22.99 -7.08
C LEU A 147 3.75 -22.17 -7.73
N SER A 148 2.52 -22.45 -7.32
CA SER A 148 1.30 -21.78 -7.78
C SER A 148 1.03 -20.54 -6.93
N GLU A 149 0.15 -19.66 -7.43
CA GLU A 149 -0.20 -18.42 -6.74
C GLU A 149 -1.67 -18.08 -6.99
N ARG A 150 -2.36 -17.58 -5.96
CA ARG A 150 -3.74 -17.11 -6.06
C ARG A 150 -3.98 -16.06 -4.98
N LYS A 151 -5.01 -15.22 -5.16
CA LYS A 151 -5.33 -14.20 -4.17
C LYS A 151 -6.41 -14.73 -3.23
N GLU A 152 -6.34 -14.30 -1.96
CA GLU A 152 -7.27 -14.72 -0.92
C GLU A 152 -7.86 -13.48 -0.27
N THR A 153 -9.19 -13.38 -0.22
CA THR A 153 -9.87 -12.23 0.36
C THR A 153 -10.49 -12.65 1.70
N LEU A 154 -9.86 -12.23 2.81
CA LEU A 154 -10.37 -12.52 4.16
C LEU A 154 -11.35 -11.41 4.53
N GLY A 155 -12.58 -11.54 4.02
CA GLY A 155 -13.64 -10.58 4.23
C GLY A 155 -13.44 -9.28 3.49
N ASP A 156 -12.48 -8.45 3.98
CA ASP A 156 -12.16 -7.14 3.42
C ASP A 156 -10.66 -6.93 3.20
N VAL A 157 -9.83 -7.98 3.30
CA VAL A 157 -8.38 -7.88 3.09
C VAL A 157 -7.98 -8.89 2.02
N THR A 158 -7.47 -8.40 0.89
CA THR A 158 -7.00 -9.24 -0.21
C THR A 158 -5.47 -9.29 -0.18
N HIS A 159 -4.91 -10.50 -0.23
CA HIS A 159 -3.48 -10.76 -0.21
C HIS A 159 -3.21 -12.00 -1.06
N ARG A 160 -1.92 -12.33 -1.28
CA ARG A 160 -1.51 -13.48 -2.10
C ARG A 160 -0.98 -14.66 -1.26
N ILE A 161 -1.20 -15.91 -1.76
CA ILE A 161 -0.70 -17.14 -1.12
C ILE A 161 0.04 -18.00 -2.17
N LEU A 162 0.99 -18.81 -1.70
CA LEU A 162 1.77 -19.74 -2.55
C LEU A 162 1.45 -21.18 -2.17
N THR A 163 1.36 -22.06 -3.16
CA THR A 163 1.08 -23.47 -2.92
C THR A 163 1.97 -24.38 -3.76
N VAL A 164 2.41 -25.48 -3.16
CA VAL A 164 3.21 -26.51 -3.81
C VAL A 164 2.23 -27.52 -4.45
N PRO A 165 2.24 -27.71 -5.77
CA PRO A 165 1.21 -28.56 -6.40
C PRO A 165 1.24 -30.04 -6.00
N ILE A 166 2.43 -30.57 -5.63
CA ILE A 166 2.60 -31.98 -5.26
C ILE A 166 2.33 -32.21 -3.77
N ALA A 167 2.81 -31.31 -2.90
CA ALA A 167 2.67 -31.43 -1.44
C ALA A 167 1.25 -31.15 -0.97
N GLN A 168 0.83 -31.90 0.04
CA GLN A 168 -0.44 -31.76 0.75
C GLN A 168 -0.14 -31.98 2.22
N ASP A 169 -0.90 -31.30 3.09
CA ASP A 169 -0.66 -31.33 4.53
C ASP A 169 -0.92 -32.72 5.12
N GLN A 170 -0.09 -33.11 6.10
CA GLN A 170 -0.22 -34.36 6.87
C GLN A 170 -1.06 -34.00 8.08
N VAL A 171 -2.39 -34.19 7.95
CA VAL A 171 -3.38 -33.82 8.98
C VAL A 171 -3.13 -34.56 10.30
N GLY A 172 -2.33 -35.64 10.27
CA GLY A 172 -1.90 -36.37 11.44
C GLY A 172 -0.77 -35.71 12.22
N MET A 173 -0.17 -34.67 11.64
CA MET A 173 0.86 -33.85 12.26
C MET A 173 0.32 -32.48 12.71
N TYR A 174 -0.97 -32.25 12.45
CA TYR A 174 -1.72 -31.05 12.85
C TYR A 174 -1.96 -31.04 14.36
N TYR A 175 -2.15 -29.83 14.90
CA TYR A 175 -2.60 -29.65 16.28
C TYR A 175 -4.09 -29.91 16.27
N GLN A 176 -4.58 -30.81 17.13
CA GLN A 176 -6.03 -31.10 17.15
C GLN A 176 -6.60 -30.50 18.44
N GLN A 177 -7.48 -29.51 18.28
CA GLN A 177 -8.13 -28.86 19.43
C GLN A 177 -9.12 -29.82 20.08
N PRO A 178 -9.06 -29.99 21.41
CA PRO A 178 -9.98 -30.93 22.08
C PRO A 178 -11.46 -30.59 21.83
N GLY A 179 -12.24 -31.63 21.50
CA GLY A 179 -13.64 -31.53 21.20
C GLY A 179 -13.97 -31.26 19.74
N GLN A 180 -13.02 -30.72 18.98
CA GLN A 180 -13.17 -30.38 17.57
C GLN A 180 -12.61 -31.49 16.69
N GLN A 181 -13.10 -31.56 15.44
CA GLN A 181 -12.62 -32.55 14.46
C GLN A 181 -11.30 -32.06 13.85
N LEU A 182 -10.66 -32.86 12.98
CA LEU A 182 -9.40 -32.44 12.37
C LEU A 182 -9.64 -31.39 11.29
N ALA A 183 -8.70 -30.44 11.18
CA ALA A 183 -8.72 -29.28 10.27
C ALA A 183 -9.85 -28.29 10.57
N THR A 184 -10.39 -28.32 11.80
CA THR A 184 -11.46 -27.42 12.27
C THR A 184 -11.11 -26.96 13.70
N TRP A 185 -11.06 -25.64 13.90
CA TRP A 185 -10.67 -25.04 15.17
C TRP A 185 -11.61 -23.89 15.53
N ILE A 186 -11.99 -23.78 16.81
CA ILE A 186 -12.74 -22.61 17.29
C ILE A 186 -11.78 -21.83 18.18
N VAL A 187 -11.47 -20.61 17.77
CA VAL A 187 -10.49 -19.74 18.46
C VAL A 187 -11.06 -19.28 19.81
N PRO A 188 -10.44 -19.67 20.93
CA PRO A 188 -10.95 -19.27 22.30
C PRO A 188 -10.71 -17.79 22.58
N PRO A 189 -11.34 -17.20 23.61
CA PRO A 189 -11.13 -15.76 23.89
C PRO A 189 -9.67 -15.45 24.21
N GLY A 190 -9.19 -14.32 23.67
CA GLY A 190 -7.81 -13.88 23.82
C GLY A 190 -6.78 -14.70 23.06
N GLN A 191 -7.20 -15.45 22.04
CA GLN A 191 -6.33 -16.31 21.24
C GLN A 191 -6.43 -15.91 19.76
N TYR A 192 -5.40 -16.30 18.98
CA TYR A 192 -5.32 -15.98 17.55
C TYR A 192 -4.77 -17.18 16.78
N PHE A 193 -5.43 -17.48 15.66
CA PHE A 193 -5.04 -18.53 14.73
C PHE A 193 -4.23 -17.86 13.62
N MET A 194 -2.95 -18.24 13.53
CA MET A 194 -1.97 -17.63 12.63
C MET A 194 -1.60 -18.60 11.51
N MET A 195 -1.55 -18.10 10.26
CA MET A 195 -1.16 -18.90 9.10
C MET A 195 -0.20 -18.14 8.19
N GLY A 196 0.72 -18.88 7.60
CA GLY A 196 1.71 -18.30 6.66
C GLY A 196 1.19 -18.32 5.23
N ASP A 197 1.59 -17.28 4.45
CA ASP A 197 1.14 -17.13 3.05
C ASP A 197 1.70 -18.22 2.12
N ASN A 198 2.85 -18.80 2.48
CA ASN A 198 3.45 -19.94 1.78
C ASN A 198 2.86 -21.16 2.48
N ARG A 199 1.57 -21.40 2.15
CA ARG A 199 0.69 -22.36 2.82
C ARG A 199 1.26 -23.77 3.00
N ASP A 200 2.12 -24.22 2.08
CA ASP A 200 2.72 -25.55 2.18
C ASP A 200 4.15 -25.51 2.71
N ASN A 201 4.66 -24.32 3.08
CA ASN A 201 6.00 -24.11 3.61
C ASN A 201 5.94 -23.19 4.83
N SER A 202 5.02 -23.47 5.78
CA SER A 202 4.80 -22.61 6.96
C SER A 202 4.42 -23.43 8.21
N ALA A 203 5.28 -23.36 9.23
CA ALA A 203 5.01 -23.97 10.53
C ALA A 203 4.16 -22.99 11.33
N ASP A 204 2.82 -23.11 11.20
CA ASP A 204 1.88 -22.17 11.83
C ASP A 204 0.89 -22.81 12.82
N SER A 205 -0.22 -22.12 13.12
CA SER A 205 -1.24 -22.58 14.09
C SER A 205 -1.87 -23.93 13.74
N ARG A 206 -1.83 -24.34 12.47
CA ARG A 206 -2.30 -25.66 12.08
C ARG A 206 -1.49 -26.75 12.77
N TYR A 207 -0.24 -26.45 13.09
CA TYR A 207 0.72 -27.38 13.68
C TYR A 207 1.02 -27.11 15.15
N TRP A 208 1.08 -25.87 15.63
CA TRP A 208 1.38 -25.64 17.05
C TRP A 208 0.31 -24.83 17.80
N GLY A 209 -0.88 -24.62 17.21
CA GLY A 209 -2.03 -24.03 17.90
C GLY A 209 -2.08 -22.51 17.98
N PHE A 210 -3.09 -22.02 18.72
CA PHE A 210 -3.41 -20.60 18.92
C PHE A 210 -2.27 -19.82 19.62
N VAL A 211 -2.27 -18.50 19.43
CA VAL A 211 -1.31 -17.55 20.00
C VAL A 211 -2.06 -16.67 21.02
N PRO A 212 -1.66 -16.66 22.30
CA PRO A 212 -2.33 -15.79 23.28
C PRO A 212 -2.10 -14.30 22.98
N GLU A 213 -3.09 -13.48 23.37
CA GLU A 213 -3.07 -12.02 23.16
C GLU A 213 -1.85 -11.33 23.79
N ALA A 214 -1.37 -11.86 24.93
CA ALA A 214 -0.19 -11.34 25.62
C ALA A 214 1.10 -11.60 24.85
N ASN A 215 1.13 -12.58 23.95
CA ASN A 215 2.28 -12.94 23.12
C ASN A 215 2.44 -12.03 21.88
N LEU A 216 1.46 -11.18 21.56
CA LEU A 216 1.52 -10.33 20.36
C LEU A 216 2.49 -9.16 20.56
N VAL A 217 3.33 -8.95 19.56
CA VAL A 217 4.34 -7.88 19.55
C VAL A 217 3.86 -6.69 18.71
N GLY A 218 3.38 -6.95 17.49
CA GLY A 218 2.86 -5.86 16.66
C GLY A 218 2.48 -6.28 15.23
N ARG A 219 2.09 -5.25 14.47
CA ARG A 219 1.65 -5.37 13.08
C ARG A 219 2.76 -4.91 12.12
N ALA A 220 3.04 -5.72 11.08
CA ALA A 220 3.99 -5.39 10.03
C ALA A 220 3.39 -4.32 9.12
N THR A 221 4.05 -3.16 9.02
CA THR A 221 3.50 -2.02 8.26
C THR A 221 4.22 -1.72 6.95
N ALA A 222 5.52 -2.01 6.85
CA ALA A 222 6.31 -1.62 5.67
C ALA A 222 7.56 -2.50 5.52
N ILE A 223 8.12 -2.48 4.30
CA ILE A 223 9.42 -3.05 3.98
C ILE A 223 10.31 -1.83 3.76
N TRP A 224 11.26 -1.59 4.67
CA TRP A 224 12.12 -0.41 4.58
C TRP A 224 13.44 -0.67 3.86
N MET A 225 13.77 -1.95 3.59
CA MET A 225 14.98 -2.42 2.89
C MET A 225 14.79 -3.90 2.51
N SER A 226 15.50 -4.35 1.46
CA SER A 226 15.47 -5.74 1.00
C SER A 226 16.73 -6.07 0.18
N PHE A 227 17.43 -7.15 0.55
CA PHE A 227 18.63 -7.67 -0.09
C PHE A 227 18.39 -9.08 -0.62
N ASP A 228 19.11 -9.48 -1.68
CA ASP A 228 18.99 -10.85 -2.23
C ASP A 228 20.22 -11.69 -1.86
N GLY A 237 22.43 -7.89 -4.30
CA GLY A 237 21.59 -6.89 -4.92
C GLY A 237 20.42 -6.41 -4.05
N LEU A 238 20.15 -5.11 -4.15
CA LEU A 238 19.04 -4.45 -3.45
C LEU A 238 17.75 -4.60 -4.22
N ARG A 239 16.68 -4.98 -3.51
CA ARG A 239 15.37 -5.09 -4.15
C ARG A 239 14.60 -3.81 -3.84
N LEU A 240 14.97 -2.75 -4.57
CA LEU A 240 14.39 -1.42 -4.38
C LEU A 240 12.91 -1.39 -4.74
N SER A 241 12.46 -2.32 -5.60
CA SER A 241 11.06 -2.46 -6.00
C SER A 241 10.18 -2.92 -4.86
N ARG A 242 10.76 -3.58 -3.86
CA ARG A 242 10.02 -4.13 -2.74
C ARG A 242 9.86 -3.14 -1.59
N ILE A 243 10.72 -2.11 -1.50
CA ILE A 243 10.57 -1.08 -0.47
C ILE A 243 9.22 -0.37 -0.65
N GLY A 244 8.45 -0.33 0.43
CA GLY A 244 7.14 0.27 0.45
C GLY A 244 6.15 -0.57 1.22
N GLY A 245 4.87 -0.45 0.84
CA GLY A 245 3.80 -1.17 1.50
C GLY A 245 3.92 -2.67 1.36
N ILE A 246 3.23 -3.40 2.24
CA ILE A 246 3.25 -4.86 2.21
C ILE A 246 1.90 -5.33 1.65
N HIS A 247 1.92 -5.85 0.41
CA HIS A 247 0.72 -6.36 -0.28
C HIS A 247 0.90 -7.81 -0.72
N ARG B 1 14.61 -7.16 -17.23
CA ARG B 1 14.03 -5.86 -16.88
C ARG B 1 14.86 -5.15 -15.79
N SER B 2 15.62 -4.12 -16.18
CA SER B 2 16.47 -3.33 -15.26
C SER B 2 15.87 -1.94 -15.02
N PHE B 3 15.11 -1.83 -13.92
CA PHE B 3 14.43 -0.60 -13.50
C PHE B 3 15.36 0.29 -12.65
N ILE B 4 15.41 1.59 -12.97
CA ILE B 4 16.22 2.57 -12.24
C ILE B 4 15.30 3.29 -11.22
N TYR B 5 15.74 3.30 -9.95
CA TYR B 5 15.06 3.92 -8.82
C TYR B 5 15.88 5.11 -8.32
N GLU B 6 15.20 6.23 -8.03
CA GLU B 6 15.86 7.48 -7.61
C GLU B 6 15.17 8.11 -6.40
N PRO B 7 15.90 8.63 -5.41
CA PRO B 7 15.25 9.27 -4.27
C PRO B 7 14.96 10.75 -4.47
N PHE B 8 13.78 11.16 -3.98
CA PHE B 8 13.37 12.56 -4.04
C PHE B 8 12.93 13.03 -2.65
N GLN B 9 13.22 14.29 -2.37
CA GLN B 9 12.83 15.01 -1.16
C GLN B 9 11.55 15.77 -1.49
N ILE B 10 10.59 15.81 -0.56
CA ILE B 10 9.36 16.58 -0.81
C ILE B 10 9.41 17.86 0.03
N PRO B 11 9.84 19.01 -0.53
CA PRO B 11 9.92 20.25 0.27
C PRO B 11 8.68 21.12 0.25
N SER B 12 7.64 20.75 -0.51
CA SER B 12 6.42 21.53 -0.67
C SER B 12 5.19 20.73 -0.21
N GLY B 13 4.07 21.43 -0.03
CA GLY B 13 2.84 20.85 0.45
C GLY B 13 1.79 20.53 -0.60
N SER B 14 2.13 20.66 -1.89
CA SER B 14 1.19 20.45 -2.99
C SER B 14 0.57 19.06 -3.04
N MET B 15 1.21 18.02 -2.47
CA MET B 15 0.70 16.65 -2.56
C MET B 15 0.09 16.13 -1.25
N MET B 16 -0.20 17.01 -0.28
CA MET B 16 -0.81 16.64 1.00
C MET B 16 -2.23 16.08 0.79
N PRO B 17 -2.69 15.12 1.63
CA PRO B 17 -2.05 14.50 2.79
C PRO B 17 -1.21 13.25 2.41
N THR B 18 -1.25 12.96 1.11
CA THR B 18 -0.52 11.84 0.52
C THR B 18 0.99 11.96 0.75
N LEU B 19 1.57 13.12 0.43
CA LEU B 19 3.00 13.40 0.65
C LEU B 19 3.13 14.71 1.42
N LEU B 20 3.97 14.72 2.44
CA LEU B 20 4.14 15.88 3.32
C LEU B 20 5.55 16.46 3.18
N ILE B 21 5.73 17.71 3.65
CA ILE B 21 7.01 18.40 3.70
C ILE B 21 7.90 17.60 4.66
N GLY B 22 8.96 16.99 4.14
CA GLY B 22 9.87 16.16 4.93
C GLY B 22 9.85 14.71 4.53
N ASP B 23 9.00 14.37 3.56
CA ASP B 23 8.91 13.01 3.04
C ASP B 23 10.03 12.75 2.04
N PHE B 24 10.54 11.53 2.07
CA PHE B 24 11.57 11.08 1.15
C PHE B 24 11.02 9.86 0.43
N ILE B 25 10.80 10.03 -0.86
CA ILE B 25 10.13 9.05 -1.66
C ILE B 25 11.12 8.32 -2.56
N LEU B 26 10.68 7.21 -3.13
CA LEU B 26 11.38 6.41 -4.13
C LEU B 26 10.60 6.56 -5.42
N VAL B 27 11.31 6.82 -6.52
CA VAL B 27 10.70 6.99 -7.84
C VAL B 27 11.24 5.91 -8.79
N GLU B 28 10.32 5.19 -9.40
CA GLU B 28 10.66 4.21 -10.38
C GLU B 28 10.59 4.88 -11.74
N LYS B 29 11.70 4.99 -12.43
CA LYS B 29 11.77 5.64 -13.71
C LYS B 29 11.05 4.91 -14.80
N PHE B 30 10.38 5.64 -15.66
CA PHE B 30 9.63 5.06 -16.78
C PHE B 30 10.49 4.34 -17.81
N ALA B 31 11.67 4.85 -18.07
CA ALA B 31 12.57 4.25 -19.05
C ALA B 31 13.47 3.19 -18.39
N TYR B 32 13.39 1.96 -18.91
CA TYR B 32 14.18 0.83 -18.45
C TYR B 32 14.76 0.06 -19.64
N GLY B 33 15.84 -0.67 -19.41
CA GLY B 33 16.50 -1.39 -20.47
C GLY B 33 16.56 -2.88 -20.26
N ILE B 34 16.65 -3.61 -21.38
CA ILE B 34 16.79 -5.05 -21.36
C ILE B 34 17.75 -5.50 -22.49
N LYS B 35 18.57 -6.52 -22.22
CA LYS B 35 19.58 -7.04 -23.18
C LYS B 35 19.24 -8.35 -23.91
N ASP B 36 19.90 -8.61 -25.04
CA ASP B 36 19.71 -9.77 -25.94
C ASP B 36 19.96 -11.09 -25.20
N PRO B 37 19.46 -12.27 -25.73
CA PRO B 37 19.65 -13.56 -25.03
C PRO B 37 20.98 -13.70 -24.28
N ILE B 38 22.11 -13.59 -24.99
CA ILE B 38 23.45 -13.62 -24.40
C ILE B 38 23.98 -12.18 -24.39
N TYR B 39 24.46 -11.69 -25.55
CA TYR B 39 24.96 -10.31 -25.75
C TYR B 39 25.08 -9.99 -27.24
N GLN B 40 24.22 -9.07 -27.74
CA GLN B 40 24.20 -8.62 -29.13
C GLN B 40 23.63 -7.20 -29.26
N LYS B 41 22.44 -6.94 -28.68
CA LYS B 41 21.76 -5.64 -28.74
C LYS B 41 21.00 -5.39 -27.44
N THR B 42 20.54 -4.15 -27.29
CA THR B 42 19.82 -3.72 -26.10
C THR B 42 18.55 -2.96 -26.43
N LEU B 43 17.44 -3.21 -25.75
CA LEU B 43 16.23 -2.45 -26.03
C LEU B 43 15.69 -1.62 -24.87
N ILE B 44 15.37 -0.37 -25.16
CA ILE B 44 14.89 0.53 -24.14
C ILE B 44 13.42 0.86 -24.28
N GLU B 45 12.65 0.34 -23.35
CA GLU B 45 11.20 0.58 -23.31
C GLU B 45 10.89 1.73 -22.36
N THR B 46 9.85 2.49 -22.68
CA THR B 46 9.45 3.63 -21.84
C THR B 46 7.98 3.43 -21.42
N GLY B 47 7.81 3.14 -20.11
CA GLY B 47 6.49 2.92 -19.54
C GLY B 47 5.65 4.18 -19.54
N HIS B 48 4.31 3.98 -19.47
CA HIS B 48 3.38 5.11 -19.50
C HIS B 48 2.67 5.24 -18.15
N PRO B 49 2.37 6.46 -17.69
CA PRO B 49 1.66 6.61 -16.42
C PRO B 49 0.20 6.17 -16.57
N LYS B 50 -0.31 5.57 -15.52
CA LYS B 50 -1.70 5.16 -15.42
C LYS B 50 -2.45 6.29 -14.73
N ARG B 51 -3.72 6.49 -15.10
CA ARG B 51 -4.56 7.53 -14.50
C ARG B 51 -4.57 7.38 -12.99
N GLY B 52 -4.18 8.46 -12.29
CA GLY B 52 -4.09 8.48 -10.85
C GLY B 52 -2.69 8.24 -10.27
N ASP B 53 -1.71 7.81 -11.07
CA ASP B 53 -0.34 7.56 -10.60
C ASP B 53 0.30 8.88 -10.15
N ILE B 54 1.18 8.81 -9.15
CA ILE B 54 1.93 10.00 -8.68
C ILE B 54 3.23 10.01 -9.46
N VAL B 55 3.38 11.02 -10.34
CA VAL B 55 4.45 11.10 -11.32
C VAL B 55 5.37 12.30 -11.03
N VAL B 56 6.70 12.05 -11.15
CA VAL B 56 7.77 13.07 -11.13
C VAL B 56 8.13 13.39 -12.59
N PHE B 57 8.25 14.67 -12.90
CA PHE B 57 8.47 15.15 -14.28
C PHE B 57 9.25 16.45 -14.25
N LYS B 58 10.00 16.71 -15.34
CA LYS B 58 10.72 17.97 -15.55
C LYS B 58 9.71 19.08 -15.82
N TYR B 59 9.73 20.13 -15.01
CA TYR B 59 8.81 21.27 -15.07
C TYR B 59 8.79 21.90 -16.47
N PRO B 60 7.62 22.01 -17.13
CA PRO B 60 7.60 22.54 -18.51
C PRO B 60 8.12 23.95 -18.66
N GLU B 61 7.79 24.84 -17.74
CA GLU B 61 8.28 26.19 -17.70
C GLU B 61 9.78 26.33 -17.42
N ASP B 62 10.39 25.36 -16.76
CA ASP B 62 11.81 25.35 -16.50
C ASP B 62 12.27 23.90 -16.37
N PRO B 63 12.71 23.27 -17.45
CA PRO B 63 13.00 21.83 -17.37
C PRO B 63 14.18 21.40 -16.49
N LYS B 64 14.90 22.37 -15.88
CA LYS B 64 15.98 22.10 -14.92
C LYS B 64 15.47 21.58 -13.58
N LEU B 65 14.20 21.84 -13.29
CA LEU B 65 13.51 21.51 -12.05
C LEU B 65 12.59 20.29 -12.22
N ASP B 66 12.51 19.44 -11.18
CA ASP B 66 11.58 18.32 -11.12
C ASP B 66 10.37 18.70 -10.26
N TYR B 67 9.18 18.29 -10.69
CA TYR B 67 7.93 18.55 -9.99
C TYR B 67 7.21 17.23 -9.78
N ILE B 68 6.37 17.15 -8.73
CA ILE B 68 5.61 15.94 -8.47
C ILE B 68 4.13 16.29 -8.32
N LYS B 69 3.28 15.58 -9.08
CA LYS B 69 1.82 15.78 -9.08
C LYS B 69 1.17 14.41 -9.36
N ARG B 70 -0.17 14.38 -9.37
CA ARG B 70 -0.91 13.17 -9.73
C ARG B 70 -1.36 13.32 -11.17
N ALA B 71 -1.13 12.30 -12.00
CA ALA B 71 -1.54 12.37 -13.41
C ALA B 71 -3.04 12.10 -13.48
N VAL B 72 -3.85 13.16 -13.51
CA VAL B 72 -5.31 13.01 -13.54
C VAL B 72 -5.83 12.94 -14.98
N GLY B 73 -5.18 13.60 -15.93
CA GLY B 73 -5.56 13.55 -17.35
C GLY B 73 -4.49 12.89 -18.19
N LEU B 74 -4.91 11.90 -19.00
CA LEU B 74 -4.08 11.12 -19.95
C LEU B 74 -4.45 11.54 -21.38
N PRO B 75 -3.62 11.24 -22.40
CA PRO B 75 -4.00 11.62 -23.77
C PRO B 75 -5.42 11.17 -24.13
N GLY B 76 -6.18 12.07 -24.76
CA GLY B 76 -7.55 11.82 -25.18
C GLY B 76 -8.63 12.17 -24.17
N ASP B 77 -8.27 12.44 -22.91
CA ASP B 77 -9.22 12.77 -21.86
C ASP B 77 -9.73 14.21 -22.02
N LYS B 78 -11.03 14.41 -21.74
CA LYS B 78 -11.67 15.73 -21.60
C LYS B 78 -11.77 15.96 -20.10
N VAL B 79 -10.88 16.82 -19.57
CA VAL B 79 -10.82 17.09 -18.13
C VAL B 79 -11.63 18.35 -17.83
N THR B 80 -12.59 18.24 -16.90
CA THR B 80 -13.40 19.38 -16.45
C THR B 80 -13.30 19.47 -14.93
N TYR B 81 -13.00 20.67 -14.44
CA TYR B 81 -12.87 20.93 -13.00
C TYR B 81 -13.86 22.01 -12.60
N ASP B 82 -14.63 21.74 -11.56
CA ASP B 82 -15.55 22.72 -11.01
C ASP B 82 -14.81 23.41 -9.85
N PRO B 83 -14.44 24.69 -9.98
CA PRO B 83 -13.71 25.34 -8.87
C PRO B 83 -14.53 25.51 -7.60
N VAL B 84 -15.88 25.44 -7.70
CA VAL B 84 -16.77 25.63 -6.54
C VAL B 84 -16.87 24.35 -5.69
N SER B 85 -17.19 23.19 -6.31
CA SER B 85 -17.30 21.90 -5.60
C SER B 85 -15.95 21.25 -5.37
N LYS B 86 -14.94 21.71 -6.13
CA LYS B 86 -13.56 21.22 -6.11
C LYS B 86 -13.49 19.74 -6.48
N GLU B 87 -14.23 19.39 -7.55
CA GLU B 87 -14.39 18.04 -8.08
C GLU B 87 -14.08 17.99 -9.57
N LEU B 88 -13.55 16.85 -10.03
CA LEU B 88 -13.16 16.60 -11.42
C LEU B 88 -14.12 15.66 -12.14
N THR B 89 -14.20 15.84 -13.46
CA THR B 89 -14.96 15.03 -14.40
C THR B 89 -14.02 14.63 -15.52
N ILE B 90 -13.82 13.33 -15.72
CA ILE B 90 -12.92 12.78 -16.74
C ILE B 90 -13.78 11.99 -17.75
N GLN B 91 -13.66 12.36 -19.03
CA GLN B 91 -14.38 11.73 -20.14
C GLN B 91 -13.30 11.23 -21.12
N PRO B 92 -12.83 9.98 -20.98
CA PRO B 92 -11.73 9.51 -21.86
C PRO B 92 -12.16 9.27 -23.31
N GLY B 93 -11.17 9.36 -24.21
CA GLY B 93 -11.33 9.17 -25.65
C GLY B 93 -12.15 10.23 -26.36
N CYS B 94 -12.41 11.35 -25.70
CA CYS B 94 -13.20 12.47 -26.25
C CYS B 94 -12.29 13.59 -26.74
N SER B 95 -11.31 13.22 -27.59
CA SER B 95 -10.34 14.14 -28.18
C SER B 95 -10.89 14.93 -29.37
N SER B 96 -11.92 14.40 -30.06
CA SER B 96 -12.53 15.05 -31.22
C SER B 96 -13.37 16.27 -30.83
N GLY B 97 -13.99 16.22 -29.64
CA GLY B 97 -14.84 17.28 -29.12
C GLY B 97 -16.32 17.09 -29.46
N GLN B 98 -16.82 15.86 -29.34
CA GLN B 98 -18.21 15.51 -29.62
C GLN B 98 -18.97 15.18 -28.32
N ALA B 99 -20.29 15.00 -28.42
CA ALA B 99 -21.16 14.69 -27.27
C ALA B 99 -21.03 13.21 -26.88
N CYS B 100 -19.89 12.86 -26.26
CA CYS B 100 -19.61 11.47 -25.84
C CYS B 100 -20.24 11.13 -24.48
N GLU B 101 -20.71 9.87 -24.35
CA GLU B 101 -21.37 9.36 -23.15
C GLU B 101 -20.55 8.27 -22.43
N ASN B 102 -19.30 8.07 -22.84
CA ASN B 102 -18.38 7.11 -22.20
C ASN B 102 -17.48 7.81 -21.18
N ALA B 103 -18.13 8.39 -20.16
CA ALA B 103 -17.47 9.15 -19.08
C ALA B 103 -16.94 8.24 -17.95
N LEU B 104 -15.70 8.53 -17.50
CA LEU B 104 -15.05 7.78 -16.40
C LEU B 104 -15.73 8.12 -15.07
N PRO B 105 -16.08 7.14 -14.21
CA PRO B 105 -16.74 7.48 -12.95
C PRO B 105 -15.72 8.01 -11.92
N VAL B 106 -15.83 9.29 -11.61
CA VAL B 106 -15.00 9.97 -10.61
C VAL B 106 -15.92 10.26 -9.42
N THR B 107 -15.73 9.53 -8.33
CA THR B 107 -16.57 9.66 -7.14
C THR B 107 -15.79 10.21 -5.94
N TYR B 108 -16.50 10.88 -5.03
CA TYR B 108 -15.95 11.57 -3.87
C TYR B 108 -16.66 11.13 -2.58
N SER B 109 -15.89 10.97 -1.49
CA SER B 109 -16.42 10.61 -0.18
C SER B 109 -16.96 11.86 0.52
N ASN B 110 -17.57 11.67 1.69
CA ASN B 110 -18.03 12.78 2.52
C ASN B 110 -16.83 13.56 3.04
N VAL B 111 -16.95 14.86 3.16
CA VAL B 111 -15.91 15.73 3.65
C VAL B 111 -15.68 15.61 5.15
N GLU B 112 -14.44 15.47 5.59
CA GLU B 112 -14.11 15.40 7.00
C GLU B 112 -12.88 16.23 7.29
N PRO B 113 -12.64 16.63 8.54
CA PRO B 113 -11.45 17.43 8.86
C PRO B 113 -10.14 16.67 8.81
N SER B 114 -9.11 17.30 8.33
CA SER B 114 -7.82 16.63 8.24
C SER B 114 -6.99 16.87 9.51
N ASP B 115 -5.80 16.27 9.55
CA ASP B 115 -4.82 16.39 10.63
C ASP B 115 -3.91 17.61 10.42
N PHE B 116 -4.30 18.51 9.49
CA PHE B 116 -3.48 19.66 9.11
C PHE B 116 -4.22 20.98 9.22
N VAL B 117 -3.48 21.98 9.72
CA VAL B 117 -3.89 23.36 9.89
C VAL B 117 -2.94 24.23 9.05
N GLN B 118 -3.49 25.23 8.35
CA GLN B 118 -2.68 26.15 7.52
C GLN B 118 -2.71 27.56 8.11
N THR B 119 -1.53 28.08 8.47
CA THR B 119 -1.38 29.40 9.06
C THR B 119 -1.04 30.45 7.99
N PHE B 120 -1.39 31.72 8.25
CA PHE B 120 -1.14 32.82 7.30
C PHE B 120 -0.44 34.00 7.97
N SER B 121 0.66 34.45 7.33
CA SER B 121 1.49 35.56 7.80
C SER B 121 0.90 36.91 7.34
N ARG B 122 0.52 37.75 8.31
CA ARG B 122 -0.12 39.06 8.06
C ARG B 122 0.94 40.05 7.54
N ARG B 123 0.98 40.22 6.20
CA ARG B 123 1.91 41.14 5.52
C ARG B 123 1.30 42.53 5.39
N ASN B 124 1.06 43.15 6.57
CA ASN B 124 0.47 44.50 6.77
C ASN B 124 -0.92 44.62 6.12
N GLY B 125 -1.74 43.58 6.28
CA GLY B 125 -3.09 43.50 5.75
C GLY B 125 -3.22 42.50 4.61
N GLY B 126 -2.74 41.28 4.81
CA GLY B 126 -2.78 40.21 3.82
C GLY B 126 -2.65 38.82 4.42
N GLU B 127 -2.76 37.78 3.56
CA GLU B 127 -2.65 36.38 4.00
C GLU B 127 -1.81 35.55 3.01
N ALA B 128 -0.61 35.18 3.45
CA ALA B 128 0.34 34.35 2.71
C ALA B 128 0.93 33.32 3.68
N THR B 129 0.84 32.03 3.32
CA THR B 129 1.25 30.90 4.16
C THR B 129 2.73 30.97 4.60
N SER B 130 2.98 30.39 5.78
CA SER B 130 4.28 30.23 6.41
C SER B 130 4.64 28.76 6.57
N GLY B 131 3.64 27.90 6.53
CA GLY B 131 3.77 26.45 6.62
C GLY B 131 2.46 25.78 6.98
N PHE B 132 2.51 24.44 6.93
CA PHE B 132 1.38 23.55 7.26
C PHE B 132 1.71 22.81 8.55
N PHE B 133 0.88 22.98 9.57
CA PHE B 133 1.10 22.40 10.90
C PHE B 133 0.22 21.18 11.12
N GLU B 134 0.83 20.10 11.62
CA GLU B 134 0.11 18.88 11.98
C GLU B 134 -0.38 19.08 13.41
N VAL B 135 -1.70 19.35 13.56
CA VAL B 135 -2.30 19.68 14.84
C VAL B 135 -3.40 18.66 15.18
N PRO B 136 -3.44 18.10 16.41
CA PRO B 136 -4.53 17.14 16.78
C PRO B 136 -5.92 17.74 16.57
N LYS B 137 -6.84 16.91 16.03
CA LYS B 137 -8.18 17.35 15.63
C LYS B 137 -8.95 18.10 16.74
N ASN B 138 -8.83 17.64 18.01
CA ASN B 138 -9.47 18.33 19.15
C ASN B 138 -8.81 19.66 19.53
N GLU B 139 -7.53 19.87 19.15
CA GLU B 139 -6.75 21.09 19.41
C GLU B 139 -6.93 22.15 18.31
N THR B 140 -6.27 23.34 18.47
CA THR B 140 -6.36 24.51 17.57
C THR B 140 -5.00 25.21 17.38
N LYS B 141 -4.94 26.15 16.41
CA LYS B 141 -3.75 26.99 16.14
C LYS B 141 -4.14 28.43 15.73
N GLU B 142 -3.41 29.41 16.30
CA GLU B 142 -3.64 30.86 16.09
C GLU B 142 -3.39 31.29 14.64
N ASN B 143 -4.38 32.01 14.08
CA ASN B 143 -4.45 32.50 12.67
C ASN B 143 -4.32 31.34 11.67
N GLY B 144 -4.69 30.14 12.09
CA GLY B 144 -4.60 28.92 11.28
C GLY B 144 -5.95 28.34 10.97
N ILE B 145 -6.13 27.94 9.69
CA ILE B 145 -7.37 27.38 9.14
C ILE B 145 -7.24 25.85 9.03
N ARG B 146 -8.21 25.13 9.61
CA ARG B 146 -8.27 23.67 9.59
C ARG B 146 -8.75 23.24 8.20
N LEU B 147 -7.88 22.56 7.44
CA LEU B 147 -8.20 22.10 6.10
C LEU B 147 -9.09 20.85 6.14
N SER B 148 -9.93 20.72 5.11
CA SER B 148 -10.86 19.61 4.92
C SER B 148 -10.17 18.47 4.18
N GLU B 149 -10.78 17.27 4.22
CA GLU B 149 -10.24 16.09 3.56
C GLU B 149 -11.39 15.22 3.04
N ARG B 150 -11.20 14.65 1.85
CA ARG B 150 -12.16 13.72 1.25
C ARG B 150 -11.40 12.78 0.30
N LYS B 151 -11.99 11.62 0.01
CA LYS B 151 -11.37 10.65 -0.89
C LYS B 151 -11.91 10.83 -2.32
N GLU B 152 -11.03 10.64 -3.30
CA GLU B 152 -11.33 10.83 -4.72
C GLU B 152 -10.98 9.54 -5.45
N THR B 153 -11.95 8.98 -6.18
CA THR B 153 -11.75 7.72 -6.92
C THR B 153 -11.68 8.04 -8.41
N LEU B 154 -10.46 8.01 -8.96
CA LEU B 154 -10.22 8.25 -10.40
C LEU B 154 -10.37 6.91 -11.12
N GLY B 155 -11.63 6.54 -11.36
CA GLY B 155 -11.99 5.28 -12.00
C GLY B 155 -11.76 4.06 -11.13
N ASP B 156 -10.47 3.69 -10.94
CA ASP B 156 -10.04 2.53 -10.16
C ASP B 156 -8.93 2.86 -9.16
N VAL B 157 -8.62 4.14 -8.92
CA VAL B 157 -7.58 4.55 -7.96
C VAL B 157 -8.21 5.51 -6.96
N THR B 158 -8.23 5.11 -5.69
CA THR B 158 -8.77 5.93 -4.61
C THR B 158 -7.59 6.52 -3.81
N HIS B 159 -7.66 7.82 -3.62
CA HIS B 159 -6.70 8.62 -2.92
C HIS B 159 -7.40 9.79 -2.24
N ARG B 160 -6.74 10.49 -1.35
CA ARG B 160 -7.34 11.64 -0.70
C ARG B 160 -6.84 13.02 -1.17
N ILE B 161 -7.64 14.04 -0.91
CA ILE B 161 -7.31 15.40 -1.27
C ILE B 161 -7.55 16.39 -0.11
N LEU B 162 -6.85 17.51 -0.11
CA LEU B 162 -7.04 18.53 0.92
C LEU B 162 -7.62 19.80 0.30
N THR B 163 -8.53 20.46 1.01
CA THR B 163 -9.15 21.69 0.52
C THR B 163 -9.25 22.74 1.61
N VAL B 164 -8.99 23.98 1.22
CA VAL B 164 -9.09 25.15 2.09
C VAL B 164 -10.55 25.65 2.01
N PRO B 165 -11.30 25.68 3.13
CA PRO B 165 -12.75 26.01 3.03
C PRO B 165 -13.07 27.41 2.55
N ILE B 166 -12.16 28.38 2.78
CA ILE B 166 -12.38 29.78 2.40
C ILE B 166 -11.89 30.08 0.98
N ALA B 167 -10.73 29.53 0.60
CA ALA B 167 -10.11 29.78 -0.72
C ALA B 167 -10.83 29.07 -1.84
N GLN B 168 -10.89 29.74 -3.00
CA GLN B 168 -11.43 29.25 -4.27
C GLN B 168 -10.49 29.73 -5.36
N ASP B 169 -10.36 28.94 -6.42
CA ASP B 169 -9.43 29.23 -7.52
C ASP B 169 -9.82 30.48 -8.30
N GLN B 170 -8.81 31.24 -8.73
CA GLN B 170 -8.94 32.44 -9.58
C GLN B 170 -8.83 31.94 -11.02
N VAL B 171 -9.98 31.62 -11.63
CA VAL B 171 -10.07 31.05 -12.98
C VAL B 171 -9.44 31.97 -14.04
N GLY B 172 -9.25 33.27 -13.71
CA GLY B 172 -8.55 34.22 -14.54
C GLY B 172 -7.04 34.11 -14.51
N MET B 173 -6.50 33.29 -13.61
CA MET B 173 -5.09 32.97 -13.50
C MET B 173 -4.78 31.57 -14.02
N TYR B 174 -5.80 30.85 -14.47
CA TYR B 174 -5.73 29.52 -15.08
C TYR B 174 -5.12 29.60 -16.47
N TYR B 175 -4.54 28.47 -16.90
CA TYR B 175 -4.08 28.29 -18.28
C TYR B 175 -5.32 27.99 -19.10
N GLN B 176 -5.57 28.75 -20.16
CA GLN B 176 -6.75 28.51 -20.99
C GLN B 176 -6.29 27.88 -22.31
N GLN B 177 -6.68 26.62 -22.53
CA GLN B 177 -6.33 25.90 -23.76
C GLN B 177 -7.10 26.50 -24.94
N PRO B 178 -6.43 26.82 -26.06
CA PRO B 178 -7.13 27.43 -27.22
C PRO B 178 -8.26 26.56 -27.74
N GLY B 179 -9.42 27.22 -27.97
CA GLY B 179 -10.63 26.58 -28.46
C GLY B 179 -11.55 26.05 -27.37
N GLN B 180 -11.01 25.81 -26.18
CA GLN B 180 -11.75 25.28 -25.04
C GLN B 180 -12.19 26.41 -24.12
N GLN B 181 -13.26 26.17 -23.34
CA GLN B 181 -13.77 27.14 -22.36
C GLN B 181 -12.90 27.09 -21.10
N LEU B 182 -13.16 27.97 -20.12
CA LEU B 182 -12.35 27.98 -18.90
C LEU B 182 -12.74 26.79 -17.99
N ALA B 183 -11.73 26.25 -17.30
CA ALA B 183 -11.81 25.07 -16.42
C ALA B 183 -12.15 23.77 -17.17
N THR B 184 -11.93 23.75 -18.50
CA THR B 184 -12.16 22.58 -19.36
C THR B 184 -10.97 22.44 -20.33
N TRP B 185 -10.35 21.25 -20.34
CA TRP B 185 -9.16 20.98 -21.14
C TRP B 185 -9.26 19.61 -21.81
N ILE B 186 -8.84 19.52 -23.08
CA ILE B 186 -8.74 18.23 -23.77
C ILE B 186 -7.26 17.93 -23.94
N VAL B 187 -6.82 16.84 -23.32
CA VAL B 187 -5.38 16.48 -23.28
C VAL B 187 -4.93 16.01 -24.68
N PRO B 188 -4.00 16.71 -25.32
CA PRO B 188 -3.53 16.32 -26.69
C PRO B 188 -2.65 15.06 -26.63
N PRO B 189 -2.38 14.41 -27.77
CA PRO B 189 -1.53 13.18 -27.74
C PRO B 189 -0.13 13.46 -27.20
N GLY B 190 0.37 12.54 -26.37
CA GLY B 190 1.67 12.65 -25.73
C GLY B 190 1.75 13.70 -24.64
N GLN B 191 0.62 14.12 -24.08
CA GLN B 191 0.54 15.14 -23.04
C GLN B 191 -0.17 14.58 -21.81
N TYR B 192 0.07 15.22 -20.64
CA TYR B 192 -0.51 14.80 -19.36
C TYR B 192 -0.93 16.01 -18.55
N PHE B 193 -2.14 15.93 -17.99
CA PHE B 193 -2.72 16.93 -17.11
C PHE B 193 -2.45 16.48 -15.68
N MET B 194 -1.65 17.28 -14.95
CA MET B 194 -1.16 16.98 -13.62
C MET B 194 -1.84 17.87 -12.58
N MET B 195 -2.28 17.28 -11.46
CA MET B 195 -2.88 18.03 -10.35
C MET B 195 -2.36 17.57 -9.00
N GLY B 196 -2.23 18.53 -8.09
CA GLY B 196 -1.76 18.26 -6.72
C GLY B 196 -2.91 17.91 -5.80
N ASP B 197 -2.63 17.01 -4.84
CA ASP B 197 -3.65 16.55 -3.88
C ASP B 197 -4.09 17.65 -2.92
N ASN B 198 -3.24 18.66 -2.67
CA ASN B 198 -3.57 19.84 -1.88
C ASN B 198 -4.10 20.83 -2.90
N ARG B 199 -5.35 20.55 -3.31
CA ARG B 199 -6.04 21.19 -4.45
C ARG B 199 -6.02 22.73 -4.44
N ASP B 200 -6.01 23.36 -3.26
CA ASP B 200 -5.99 24.81 -3.17
C ASP B 200 -4.59 25.35 -2.85
N ASN B 201 -3.58 24.49 -2.77
CA ASN B 201 -2.19 24.84 -2.50
C ASN B 201 -1.26 24.10 -3.46
N SER B 202 -1.56 24.14 -4.77
CA SER B 202 -0.80 23.41 -5.79
C SER B 202 -0.71 24.17 -7.12
N ALA B 203 0.51 24.52 -7.52
CA ALA B 203 0.79 25.15 -8.82
C ALA B 203 0.89 24.04 -9.84
N ASP B 204 -0.24 23.66 -10.46
CA ASP B 204 -0.25 22.52 -11.41
C ASP B 204 -0.73 22.87 -12.83
N SER B 205 -1.16 21.86 -13.62
CA SER B 205 -1.61 22.00 -15.01
C SER B 205 -2.80 22.96 -15.19
N ARG B 206 -3.56 23.23 -14.11
CA ARG B 206 -4.61 24.25 -14.15
C ARG B 206 -4.03 25.61 -14.42
N TYR B 207 -2.79 25.84 -14.00
CA TYR B 207 -2.08 27.10 -14.08
C TYR B 207 -0.98 27.14 -15.14
N TRP B 208 -0.22 26.05 -15.38
CA TRP B 208 0.84 26.10 -16.40
C TRP B 208 0.71 25.06 -17.50
N GLY B 209 -0.44 24.37 -17.61
CA GLY B 209 -0.73 23.48 -18.75
C GLY B 209 -0.17 22.05 -18.68
N PHE B 210 -0.37 21.32 -19.79
CA PHE B 210 0.01 19.91 -19.98
C PHE B 210 1.53 19.68 -19.88
N VAL B 211 1.91 18.43 -19.59
CA VAL B 211 3.29 17.96 -19.46
C VAL B 211 3.58 16.99 -20.61
N PRO B 212 4.58 17.26 -21.48
CA PRO B 212 4.88 16.32 -22.57
C PRO B 212 5.44 15.01 -22.03
N GLU B 213 5.19 13.92 -22.80
CA GLU B 213 5.61 12.55 -22.45
C GLU B 213 7.13 12.42 -22.26
N ALA B 214 7.92 13.20 -23.03
CA ALA B 214 9.38 13.22 -22.91
C ALA B 214 9.87 13.83 -21.59
N ASN B 215 9.04 14.67 -20.93
CA ASN B 215 9.36 15.32 -19.67
C ASN B 215 9.16 14.41 -18.45
N LEU B 216 8.53 13.24 -18.60
CA LEU B 216 8.26 12.34 -17.47
C LEU B 216 9.53 11.63 -17.01
N VAL B 217 9.74 11.62 -15.69
CA VAL B 217 10.89 10.99 -15.04
C VAL B 217 10.50 9.62 -14.46
N GLY B 218 9.40 9.54 -13.71
CA GLY B 218 8.96 8.26 -13.17
C GLY B 218 7.77 8.35 -12.23
N ARG B 219 7.43 7.18 -11.68
CA ARG B 219 6.30 6.97 -10.75
C ARG B 219 6.81 6.84 -9.31
N ALA B 220 6.18 7.57 -8.39
CA ALA B 220 6.48 7.49 -6.95
C ALA B 220 5.93 6.19 -6.39
N THR B 221 6.79 5.34 -5.83
CA THR B 221 6.38 4.02 -5.36
C THR B 221 6.34 3.85 -3.84
N ALA B 222 7.18 4.57 -3.09
CA ALA B 222 7.31 4.37 -1.64
C ALA B 222 7.87 5.63 -0.95
N ILE B 223 7.66 5.68 0.38
CA ILE B 223 8.26 6.64 1.29
C ILE B 223 9.27 5.83 2.08
N TRP B 224 10.56 6.05 1.85
CA TRP B 224 11.61 5.26 2.51
C TRP B 224 12.13 5.91 3.79
N MET B 225 11.78 7.18 4.06
CA MET B 225 12.15 7.95 5.24
C MET B 225 11.26 9.19 5.31
N SER B 226 11.00 9.69 6.51
CA SER B 226 10.22 10.90 6.71
C SER B 226 10.71 11.72 7.89
N PHE B 227 10.98 12.99 7.69
CA PHE B 227 11.42 13.79 8.79
C PHE B 227 10.59 15.04 9.01
N ASP B 228 10.16 15.26 10.25
CA ASP B 228 9.35 16.41 10.59
C ASP B 228 10.21 17.53 11.12
N LYS B 229 10.47 18.49 10.27
CA LYS B 229 11.27 19.68 10.64
C LYS B 229 10.41 20.73 11.33
N GLY B 237 11.56 14.91 14.55
CA GLY B 237 11.48 13.47 14.74
C GLY B 237 11.10 12.72 13.48
N LEU B 238 11.57 11.47 13.36
CA LEU B 238 11.26 10.65 12.19
C LEU B 238 9.82 10.16 12.29
N ARG B 239 9.05 10.37 11.22
CA ARG B 239 7.66 9.92 11.13
C ARG B 239 7.69 8.50 10.57
N LEU B 240 7.97 7.53 11.47
CA LEU B 240 8.14 6.10 11.13
C LEU B 240 6.83 5.47 10.64
N SER B 241 5.69 6.05 11.02
CA SER B 241 4.36 5.60 10.59
C SER B 241 4.15 5.81 9.10
N ARG B 242 4.88 6.76 8.51
CA ARG B 242 4.72 7.12 7.11
C ARG B 242 5.57 6.27 6.16
N ILE B 243 6.65 5.64 6.67
CA ILE B 243 7.47 4.75 5.84
C ILE B 243 6.61 3.60 5.35
N GLY B 244 6.62 3.40 4.03
CA GLY B 244 5.84 2.36 3.39
C GLY B 244 5.20 2.85 2.11
N GLY B 245 4.06 2.22 1.77
CA GLY B 245 3.34 2.56 0.55
C GLY B 245 2.82 3.98 0.55
N ILE B 246 2.49 4.50 -0.63
CA ILE B 246 1.95 5.86 -0.75
C ILE B 246 0.44 5.79 -1.04
N HIS B 247 -0.33 6.27 -0.09
CA HIS B 247 -1.76 6.28 -0.17
C HIS B 247 -2.30 7.58 0.40
#